data_2YL8
#
_entry.id   2YL8
#
_cell.length_a   78.570
_cell.length_b   109.290
_cell.length_c   112.930
_cell.angle_alpha   90.00
_cell.angle_beta   90.00
_cell.angle_gamma   90.00
#
_symmetry.space_group_name_H-M   'I 2 2 2'
#
loop_
_entity.id
_entity.type
_entity.pdbx_description
1 polymer BETA-N-ACETYLHEXOSAMINIDASE
2 branched 2-acetamido-2-deoxy-beta-D-glucopyranose-(1-2)-alpha-D-mannopyranose
3 non-polymer 'MANGANESE (II) ION'
4 non-polymer 'POLYETHYLENE GLYCOL (N=34)'
5 non-polymer 1,2-ETHANEDIOL
6 water water
#
_entity_poly.entity_id   1
_entity_poly.type   'polypeptide(L)'
_entity_poly.pdbx_seq_one_letter_code
;NEKLAKKKIVSIDAGRKYFSPEQLKEIIDKAKHYGYTDLHLLVGNDGLRFMLDDMSITANGKTYASDDVKRAIEKGTNDY
YNDPNGNHLTESQMTDLINYAKDKGIGLIPTVNSPGHMDAILNAMKELGIQNPNFSYFGKKSARTVDLDNEQAVAFTKAL
IDKYAAYFAKKTEIFNIGLDQYANDATDAKGWSVLQADKYYPNEGYPVKGYEKFIAYANDLARIVKSHGLKPMAFNDGIY
YNSDTSFGSFDKDIIVSMWTGGWGGYDVASSKLLAEKGHQILNTNDAWYYVLGRNADGQGWYNLDQGLNGIKNTPITSVP
KTEGADIPIIGGMVAAWADTPSARYSPSRLFKLMRHFANANAEYFAADYESAEQALNEVPKDLNRYTAESVTAVKEAEKA
IRSLDSNLSRAQQDTIDQAIAKLQETVNNLTLTP
;
_entity_poly.pdbx_strand_id   A
#
# COMPACT_ATOMS: atom_id res chain seq x y z
N ASN A 1 -16.04 18.26 2.69
CA ASN A 1 -15.90 17.05 3.58
C ASN A 1 -15.78 15.74 2.82
N GLU A 2 -16.36 15.67 1.63
CA GLU A 2 -16.19 14.51 0.75
C GLU A 2 -14.72 14.31 0.36
N LYS A 3 -13.98 15.41 0.13
CA LYS A 3 -12.57 15.26 -0.19
C LYS A 3 -11.75 14.78 0.98
N LEU A 4 -11.93 15.44 2.13
CA LEU A 4 -11.19 15.02 3.35
C LEU A 4 -11.49 13.58 3.79
N ALA A 5 -12.68 13.08 3.43
CA ALA A 5 -13.10 11.73 3.82
C ALA A 5 -12.42 10.63 3.01
N LYS A 6 -11.77 10.99 1.91
CA LYS A 6 -11.05 10.00 1.12
C LYS A 6 -9.83 9.48 1.86
N LYS A 7 -9.41 8.26 1.50
CA LYS A 7 -8.13 7.75 1.99
CA LYS A 7 -8.13 7.74 1.98
C LYS A 7 -6.99 8.41 1.22
N LYS A 8 -5.92 8.77 1.93
CA LYS A 8 -4.71 9.25 1.29
C LYS A 8 -3.61 8.35 1.81
N ILE A 9 -2.98 7.62 0.88
CA ILE A 9 -2.15 6.50 1.25
C ILE A 9 -0.76 6.63 0.61
N VAL A 10 0.28 6.32 1.40
CA VAL A 10 1.62 6.15 0.85
C VAL A 10 1.97 4.68 0.86
N SER A 11 2.47 4.20 -0.28
CA SER A 11 2.82 2.79 -0.40
C SER A 11 4.32 2.60 -0.41
N ILE A 12 4.79 1.62 0.37
CA ILE A 12 6.20 1.32 0.50
C ILE A 12 6.46 -0.14 0.23
N ASP A 13 7.37 -0.39 -0.71
CA ASP A 13 7.82 -1.74 -1.09
C ASP A 13 8.88 -2.31 -0.14
N ALA A 14 8.42 -2.86 0.97
CA ALA A 14 9.24 -3.55 1.95
C ALA A 14 9.13 -5.06 1.74
N GLY A 15 8.75 -5.44 0.51
CA GLY A 15 8.90 -6.85 0.06
C GLY A 15 10.27 -7.08 -0.58
N ARG A 16 10.59 -6.26 -1.58
CA ARG A 16 11.84 -6.42 -2.29
C ARG A 16 13.01 -6.03 -1.39
N LYS A 17 12.76 -5.03 -0.55
CA LYS A 17 13.84 -4.37 0.17
C LYS A 17 13.47 -4.28 1.64
N TYR A 18 14.46 -4.49 2.53
CA TYR A 18 14.23 -4.34 3.99
C TYR A 18 14.05 -2.88 4.43
N PHE A 19 13.05 -2.63 5.28
CA PHE A 19 12.89 -1.34 5.97
C PHE A 19 12.81 -1.67 7.43
N SER A 20 13.56 -0.94 8.25
CA SER A 20 13.52 -1.18 9.69
C SER A 20 12.26 -0.59 10.35
N PRO A 21 11.90 -1.10 11.54
CA PRO A 21 10.82 -0.49 12.30
C PRO A 21 11.07 1.02 12.46
N GLU A 22 12.32 1.42 12.75
CA GLU A 22 12.65 2.84 12.91
CA GLU A 22 12.66 2.85 12.88
C GLU A 22 12.33 3.63 11.62
N GLN A 23 12.75 3.11 10.47
CA GLN A 23 12.50 3.77 9.19
C GLN A 23 10.98 3.89 8.91
N LEU A 24 10.25 2.82 9.21
CA LEU A 24 8.80 2.81 8.95
C LEU A 24 8.07 3.78 9.87
N LYS A 25 8.57 3.91 11.09
CA LYS A 25 7.95 4.88 12.01
C LYS A 25 8.15 6.31 11.50
N GLU A 26 9.33 6.59 10.96
CA GLU A 26 9.64 7.90 10.40
C GLU A 26 8.71 8.21 9.23
N ILE A 27 8.42 7.19 8.42
CA ILE A 27 7.51 7.35 7.27
C ILE A 27 6.09 7.63 7.76
N ILE A 28 5.67 6.83 8.73
CA ILE A 28 4.38 7.10 9.42
C ILE A 28 4.29 8.53 10.00
N ASP A 29 5.36 8.98 10.67
CA ASP A 29 5.37 10.37 11.22
C ASP A 29 5.15 11.42 10.13
N LYS A 30 5.88 11.29 9.01
CA LYS A 30 5.70 12.20 7.88
C LYS A 30 4.33 12.09 7.22
N ALA A 31 3.81 10.87 7.13
CA ALA A 31 2.47 10.65 6.57
C ALA A 31 1.42 11.39 7.43
N LYS A 32 1.51 11.20 8.74
CA LYS A 32 0.60 11.90 9.65
C LYS A 32 0.72 13.43 9.45
N HIS A 33 1.95 13.93 9.51
CA HIS A 33 2.22 15.36 9.35
C HIS A 33 1.65 15.94 8.05
N TYR A 34 1.79 15.20 6.95
CA TYR A 34 1.34 15.68 5.64
C TYR A 34 -0.15 15.46 5.38
N GLY A 35 -0.84 14.80 6.32
CA GLY A 35 -2.30 14.64 6.22
C GLY A 35 -2.82 13.39 5.54
N TYR A 36 -1.96 12.38 5.45
CA TYR A 36 -2.34 11.04 4.98
C TYR A 36 -3.23 10.32 6.00
N THR A 37 -3.88 9.24 5.53
CA THR A 37 -4.64 8.36 6.42
C THR A 37 -4.05 6.97 6.63
N ASP A 38 -3.21 6.51 5.72
CA ASP A 38 -2.74 5.12 5.76
C ASP A 38 -1.36 4.93 5.17
N LEU A 39 -0.68 3.92 5.70
CA LEU A 39 0.53 3.36 5.17
C LEU A 39 0.16 2.03 4.52
N HIS A 40 0.51 1.89 3.25
CA HIS A 40 0.30 0.62 2.53
C HIS A 40 1.67 -0.04 2.47
N LEU A 41 1.87 -1.11 3.25
CA LEU A 41 3.19 -1.71 3.41
C LEU A 41 3.24 -3.08 2.71
N LEU A 42 3.87 -3.15 1.54
CA LEU A 42 4.07 -4.47 0.93
C LEU A 42 5.11 -5.19 1.79
N VAL A 43 4.79 -6.39 2.26
CA VAL A 43 5.78 -7.22 2.97
C VAL A 43 6.07 -8.50 2.16
N GLY A 44 5.16 -8.89 1.29
CA GLY A 44 5.43 -9.99 0.39
C GLY A 44 5.31 -9.40 -1.00
N ASN A 45 6.44 -9.16 -1.65
CA ASN A 45 6.49 -8.62 -3.02
C ASN A 45 7.89 -8.96 -3.55
N ASP A 46 7.98 -10.10 -4.25
CA ASP A 46 9.24 -10.77 -4.63
C ASP A 46 9.87 -11.34 -3.37
N GLY A 47 10.45 -10.48 -2.53
CA GLY A 47 10.93 -10.93 -1.22
C GLY A 47 9.74 -11.07 -0.29
N LEU A 48 9.92 -11.83 0.80
CA LEU A 48 8.90 -11.90 1.84
C LEU A 48 9.58 -11.57 3.16
N ARG A 49 9.19 -10.45 3.76
CA ARG A 49 9.97 -9.82 4.83
C ARG A 49 9.09 -9.54 6.04
N PHE A 50 8.27 -10.52 6.38
CA PHE A 50 7.48 -10.43 7.60
C PHE A 50 7.22 -11.84 8.09
N MET A 51 7.61 -12.13 9.35
CA MET A 51 7.55 -13.51 9.89
C MET A 51 6.69 -13.49 11.13
N LEU A 52 5.68 -14.37 11.16
CA LEU A 52 4.83 -14.52 12.36
C LEU A 52 5.55 -15.37 13.40
N ASP A 53 5.15 -15.28 14.67
CA ASP A 53 5.72 -16.16 15.72
C ASP A 53 5.46 -17.64 15.45
N ASP A 54 4.26 -17.97 14.97
CA ASP A 54 3.89 -19.31 14.54
C ASP A 54 3.68 -19.27 13.02
N MET A 55 4.60 -19.90 12.28
CA MET A 55 4.53 -19.97 10.82
C MET A 55 4.21 -21.40 10.36
N SER A 56 3.74 -22.26 11.28
CA SER A 56 3.33 -23.61 10.85
C SER A 56 2.18 -23.46 9.84
N ILE A 57 2.21 -24.28 8.79
CA ILE A 57 1.26 -24.16 7.71
C ILE A 57 0.66 -25.50 7.46
N THR A 58 -0.67 -25.59 7.50
CA THR A 58 -1.31 -26.86 7.23
C THR A 58 -1.87 -26.87 5.81
N ALA A 59 -1.32 -27.75 4.98
CA ALA A 59 -1.80 -27.91 3.60
C ALA A 59 -1.26 -29.22 3.13
N ASN A 60 -1.83 -29.71 2.04
CA ASN A 60 -1.33 -30.93 1.40
C ASN A 60 -1.35 -32.16 2.32
N GLY A 61 -2.32 -32.21 3.24
CA GLY A 61 -2.49 -33.38 4.10
C GLY A 61 -1.48 -33.44 5.24
N LYS A 62 -0.79 -32.33 5.49
CA LYS A 62 0.19 -32.31 6.55
C LYS A 62 0.32 -30.92 7.15
N THR A 63 1.18 -30.81 8.14
CA THR A 63 1.60 -29.51 8.59
C THR A 63 3.09 -29.36 8.31
N TYR A 64 3.47 -28.20 7.77
CA TYR A 64 4.88 -27.85 7.61
C TYR A 64 5.27 -27.09 8.85
N ALA A 65 6.32 -27.54 9.54
CA ALA A 65 6.67 -27.03 10.87
C ALA A 65 7.06 -25.56 10.82
N SER A 66 6.66 -24.80 11.84
CA SER A 66 6.93 -23.38 11.88
C SER A 66 8.42 -23.08 11.67
N ASP A 67 9.31 -23.80 12.35
CA ASP A 67 10.75 -23.50 12.22
CA ASP A 67 10.73 -23.44 12.22
C ASP A 67 11.25 -23.71 10.79
N ASP A 68 10.72 -24.73 10.12
CA ASP A 68 11.11 -25.02 8.74
C ASP A 68 10.54 -24.00 7.77
N VAL A 69 9.28 -23.61 7.98
CA VAL A 69 8.71 -22.52 7.16
C VAL A 69 9.53 -21.23 7.34
N LYS A 70 9.86 -20.88 8.57
CA LYS A 70 10.64 -19.67 8.79
C LYS A 70 11.98 -19.72 8.04
N ARG A 71 12.66 -20.85 8.17
CA ARG A 71 14.00 -21.04 7.62
C ARG A 71 13.89 -21.01 6.10
N ALA A 72 12.84 -21.65 5.55
CA ALA A 72 12.59 -21.69 4.12
C ALA A 72 12.35 -20.28 3.58
N ILE A 73 11.55 -19.50 4.31
CA ILE A 73 11.23 -18.14 3.86
C ILE A 73 12.47 -17.21 3.96
N GLU A 74 13.17 -17.26 5.10
N GLU A 74 13.18 -17.26 5.09
N GLU A 74 13.19 -17.27 5.09
CA GLU A 74 14.39 -16.46 5.26
CA GLU A 74 14.38 -16.44 5.25
CA GLU A 74 14.40 -16.41 5.23
C GLU A 74 15.33 -16.73 4.10
C GLU A 74 15.35 -16.73 4.11
C GLU A 74 15.33 -16.72 4.08
N LYS A 75 15.53 -18.01 3.82
CA LYS A 75 16.45 -18.46 2.76
C LYS A 75 15.95 -18.09 1.37
N GLY A 76 14.64 -18.22 1.18
CA GLY A 76 14.05 -17.91 -0.10
C GLY A 76 14.12 -16.44 -0.41
N THR A 77 13.89 -15.61 0.62
CA THR A 77 14.04 -14.16 0.47
C THR A 77 15.49 -13.77 0.12
N ASN A 78 16.45 -14.35 0.84
CA ASN A 78 17.84 -14.03 0.59
C ASN A 78 18.27 -14.43 -0.80
N ASP A 79 17.68 -15.50 -1.33
CA ASP A 79 17.99 -15.93 -2.69
C ASP A 79 17.45 -14.88 -3.68
N TYR A 80 16.33 -14.21 -3.35
CA TYR A 80 15.86 -13.09 -4.17
C TYR A 80 16.81 -11.90 -4.03
N TYR A 81 17.07 -11.48 -2.78
CA TYR A 81 17.99 -10.37 -2.50
C TYR A 81 18.38 -10.44 -1.03
N ASN A 82 19.68 -10.64 -0.79
CA ASN A 82 20.16 -10.77 0.56
C ASN A 82 20.54 -9.36 1.02
N ASP A 83 19.60 -8.72 1.70
CA ASP A 83 19.69 -7.30 2.01
C ASP A 83 20.60 -7.15 3.23
N PRO A 84 21.71 -6.41 3.08
CA PRO A 84 22.61 -6.27 4.26
C PRO A 84 21.96 -5.55 5.45
N ASN A 85 20.91 -4.78 5.18
CA ASN A 85 20.22 -4.08 6.27
C ASN A 85 19.34 -4.93 7.17
N GLY A 86 18.92 -6.08 6.67
CA GLY A 86 17.96 -6.89 7.40
C GLY A 86 17.25 -7.88 6.49
N ASN A 87 16.64 -8.89 7.10
CA ASN A 87 15.87 -9.88 6.36
C ASN A 87 14.34 -9.71 6.47
N HIS A 88 13.81 -9.57 7.69
CA HIS A 88 12.34 -9.47 7.87
C HIS A 88 11.98 -8.77 9.16
N LEU A 89 10.79 -8.21 9.19
CA LEU A 89 10.16 -7.76 10.43
C LEU A 89 9.58 -8.97 11.17
N THR A 90 9.62 -8.92 12.50
CA THR A 90 9.03 -9.94 13.35
C THR A 90 7.59 -9.56 13.72
N GLU A 91 6.85 -10.53 14.26
CA GLU A 91 5.51 -10.26 14.72
C GLU A 91 5.43 -9.15 15.77
N SER A 92 6.33 -9.19 16.75
CA SER A 92 6.39 -8.13 17.76
C SER A 92 6.63 -6.77 17.13
N GLN A 93 7.52 -6.71 16.16
CA GLN A 93 7.78 -5.43 15.50
C GLN A 93 6.57 -4.92 14.72
N MET A 94 5.87 -5.82 14.04
CA MET A 94 4.71 -5.42 13.25
C MET A 94 3.59 -4.97 14.18
N THR A 95 3.38 -5.70 15.29
CA THR A 95 2.28 -5.34 16.20
C THR A 95 2.54 -3.96 16.75
N ASP A 96 3.80 -3.72 17.14
CA ASP A 96 4.20 -2.42 17.67
C ASP A 96 4.07 -1.34 16.59
N LEU A 97 4.42 -1.66 15.35
CA LEU A 97 4.29 -0.70 14.27
C LEU A 97 2.84 -0.28 14.01
N ILE A 98 1.94 -1.26 14.00
CA ILE A 98 0.54 -1.01 13.70
C ILE A 98 -0.08 -0.17 14.84
N ASN A 99 0.34 -0.47 16.06
CA ASN A 99 -0.08 0.28 17.24
C ASN A 99 0.47 1.70 17.21
N TYR A 100 1.74 1.86 16.84
CA TYR A 100 2.33 3.20 16.71
C TYR A 100 1.53 4.05 15.71
N ALA A 101 1.24 3.46 14.57
CA ALA A 101 0.47 4.14 13.51
C ALA A 101 -0.96 4.42 13.97
N LYS A 102 -1.59 3.44 14.62
CA LYS A 102 -2.95 3.63 15.12
C LYS A 102 -3.03 4.83 16.09
N ASP A 103 -2.06 4.97 16.98
N ASP A 103 -2.03 4.94 16.98
CA ASP A 103 -2.09 6.11 17.90
CA ASP A 103 -1.89 6.08 17.91
C ASP A 103 -1.91 7.45 17.19
C ASP A 103 -1.96 7.40 17.17
N LYS A 104 -1.36 7.43 15.98
CA LYS A 104 -1.29 8.64 15.16
C LYS A 104 -2.46 8.79 14.17
N GLY A 105 -3.44 7.89 14.24
CA GLY A 105 -4.60 7.93 13.31
C GLY A 105 -4.19 7.50 11.90
N ILE A 106 -3.19 6.63 11.82
CA ILE A 106 -2.71 6.11 10.54
C ILE A 106 -3.03 4.61 10.51
N GLY A 107 -3.75 4.18 9.47
CA GLY A 107 -3.99 2.74 9.31
C GLY A 107 -2.82 2.07 8.59
N LEU A 108 -2.76 0.75 8.69
CA LEU A 108 -1.75 -0.01 7.92
C LEU A 108 -2.45 -1.04 7.03
N ILE A 109 -2.08 -1.07 5.74
CA ILE A 109 -2.64 -2.03 4.79
C ILE A 109 -1.46 -2.87 4.28
N PRO A 110 -1.40 -4.16 4.65
CA PRO A 110 -0.29 -5.02 4.18
C PRO A 110 -0.58 -5.59 2.78
N THR A 111 0.47 -5.93 2.04
CA THR A 111 0.35 -6.74 0.84
C THR A 111 1.19 -7.97 1.02
N VAL A 112 0.63 -9.13 0.67
CA VAL A 112 1.43 -10.34 0.55
C VAL A 112 1.04 -10.82 -0.83
N ASN A 113 1.93 -10.61 -1.79
CA ASN A 113 1.57 -10.80 -3.19
C ASN A 113 1.61 -12.23 -3.64
N SER A 114 0.66 -12.55 -4.50
CA SER A 114 0.61 -13.80 -5.26
C SER A 114 -0.46 -13.54 -6.33
N PRO A 115 -0.56 -14.40 -7.37
CA PRO A 115 0.29 -15.55 -7.74
C PRO A 115 1.57 -15.13 -8.47
N GLY A 116 1.72 -13.83 -8.76
CA GLY A 116 3.00 -13.25 -9.23
C GLY A 116 3.76 -12.66 -8.07
N HIS A 117 4.93 -12.09 -8.38
CA HIS A 117 5.74 -11.41 -7.37
C HIS A 117 5.89 -12.22 -6.08
N MET A 118 6.16 -13.50 -6.21
CA MET A 118 6.25 -14.34 -5.01
C MET A 118 7.50 -15.21 -5.10
N ASP A 119 8.59 -14.63 -5.62
CA ASP A 119 9.89 -15.33 -5.71
C ASP A 119 10.23 -16.07 -4.41
N ALA A 120 10.15 -15.37 -3.26
CA ALA A 120 10.56 -15.95 -1.98
C ALA A 120 9.67 -17.11 -1.55
N ILE A 121 8.36 -16.96 -1.78
CA ILE A 121 7.41 -18.02 -1.43
C ILE A 121 7.65 -19.28 -2.30
N LEU A 122 7.89 -19.09 -3.59
CA LEU A 122 8.27 -20.20 -4.46
C LEU A 122 9.53 -20.88 -3.95
N ASN A 123 10.56 -20.09 -3.64
CA ASN A 123 11.78 -20.65 -3.05
C ASN A 123 11.49 -21.41 -1.78
N ALA A 124 10.70 -20.82 -0.88
CA ALA A 124 10.40 -21.48 0.37
C ALA A 124 9.66 -22.79 0.16
N MET A 125 8.66 -22.80 -0.73
CA MET A 125 7.98 -24.06 -1.04
C MET A 125 8.98 -25.16 -1.50
N LYS A 126 9.89 -24.81 -2.39
CA LYS A 126 10.94 -25.78 -2.77
C LYS A 126 11.86 -26.25 -1.63
N GLU A 127 12.19 -25.35 -0.70
CA GLU A 127 13.02 -25.71 0.45
C GLU A 127 12.26 -26.67 1.36
N LEU A 128 10.92 -26.59 1.32
CA LEU A 128 10.08 -27.44 2.16
C LEU A 128 9.92 -28.79 1.49
N GLY A 129 10.15 -28.81 0.16
CA GLY A 129 10.08 -30.04 -0.64
C GLY A 129 8.96 -30.14 -1.64
N ILE A 130 8.15 -29.08 -1.73
CA ILE A 130 7.06 -29.06 -2.70
C ILE A 130 7.67 -29.01 -4.11
N GLN A 131 7.16 -29.83 -5.03
CA GLN A 131 7.80 -29.97 -6.34
CA GLN A 131 7.79 -29.99 -6.34
C GLN A 131 7.23 -29.01 -7.37
N ASN A 132 8.12 -28.49 -8.23
CA ASN A 132 7.75 -27.71 -9.42
C ASN A 132 6.71 -26.65 -9.18
N PRO A 133 6.93 -25.77 -8.20
CA PRO A 133 5.85 -24.78 -8.01
C PRO A 133 5.77 -23.71 -9.11
N ASN A 134 6.87 -23.45 -9.82
CA ASN A 134 6.96 -22.26 -10.70
C ASN A 134 6.18 -22.46 -11.99
N PHE A 135 5.49 -21.43 -12.45
CA PHE A 135 4.92 -21.42 -13.83
C PHE A 135 6.03 -21.35 -14.89
N SER A 136 5.87 -22.10 -15.97
CA SER A 136 6.79 -22.04 -17.12
C SER A 136 6.02 -21.74 -18.41
N TYR A 137 6.65 -21.03 -19.33
CA TYR A 137 6.01 -20.67 -20.58
C TYR A 137 6.95 -21.09 -21.69
N PHE A 138 6.58 -22.16 -22.38
CA PHE A 138 7.39 -22.74 -23.47
C PHE A 138 8.89 -22.85 -23.12
N GLY A 139 9.15 -23.46 -21.97
CA GLY A 139 10.52 -23.71 -21.51
C GLY A 139 11.18 -22.55 -20.78
N LYS A 140 10.49 -21.41 -20.65
CA LYS A 140 11.03 -20.34 -19.86
C LYS A 140 10.37 -20.37 -18.50
N LYS A 141 11.16 -20.56 -17.44
CA LYS A 141 10.57 -20.73 -16.11
C LYS A 141 10.49 -19.38 -15.39
N SER A 142 9.31 -19.04 -14.85
CA SER A 142 9.16 -17.80 -14.10
C SER A 142 9.81 -17.95 -12.73
N ALA A 143 10.52 -16.92 -12.30
CA ALA A 143 11.15 -16.91 -10.97
C ALA A 143 10.16 -16.40 -9.94
N ARG A 144 9.09 -15.78 -10.41
CA ARG A 144 8.16 -15.00 -9.52
C ARG A 144 6.77 -15.54 -9.42
N THR A 145 6.40 -16.44 -10.34
CA THR A 145 5.02 -16.80 -10.51
C THR A 145 4.73 -18.29 -10.34
N VAL A 146 3.74 -18.59 -9.51
CA VAL A 146 3.30 -19.97 -9.25
C VAL A 146 2.41 -20.50 -10.37
N ASP A 147 2.54 -21.79 -10.64
CA ASP A 147 1.76 -22.50 -11.62
C ASP A 147 0.42 -22.85 -10.98
N LEU A 148 -0.68 -22.35 -11.55
CA LEU A 148 -2.02 -22.55 -10.96
C LEU A 148 -2.51 -23.98 -11.14
N ASP A 149 -1.79 -24.76 -11.96
CA ASP A 149 -2.11 -26.20 -12.11
C ASP A 149 -1.57 -27.01 -10.96
N ASN A 150 -0.63 -26.43 -10.19
CA ASN A 150 0.06 -27.22 -9.18
C ASN A 150 -0.75 -27.10 -7.89
N GLU A 151 -1.54 -28.13 -7.60
N GLU A 151 -1.54 -28.12 -7.59
N GLU A 151 -1.56 -28.12 -7.59
CA GLU A 151 -2.46 -28.11 -6.46
CA GLU A 151 -2.46 -28.04 -6.45
CA GLU A 151 -2.47 -28.05 -6.44
C GLU A 151 -1.75 -27.91 -5.13
C GLU A 151 -1.76 -27.92 -5.10
C GLU A 151 -1.73 -27.86 -5.12
N GLN A 152 -0.58 -28.53 -4.98
CA GLN A 152 0.18 -28.50 -3.73
C GLN A 152 0.80 -27.11 -3.48
N ALA A 153 1.29 -26.47 -4.56
CA ALA A 153 1.89 -25.13 -4.47
C ALA A 153 0.77 -24.12 -4.20
N VAL A 154 -0.34 -24.27 -4.92
CA VAL A 154 -1.50 -23.40 -4.69
C VAL A 154 -2.05 -23.53 -3.27
N ALA A 155 -2.28 -24.76 -2.81
CA ALA A 155 -2.82 -24.98 -1.45
C ALA A 155 -1.91 -24.39 -0.38
N PHE A 156 -0.60 -24.56 -0.53
CA PHE A 156 0.35 -23.97 0.43
C PHE A 156 0.27 -22.43 0.42
N THR A 157 0.26 -21.85 -0.78
CA THR A 157 0.27 -20.41 -0.91
C THR A 157 -0.98 -19.84 -0.27
N LYS A 158 -2.14 -20.42 -0.59
CA LYS A 158 -3.38 -19.98 0.05
C LYS A 158 -3.32 -20.09 1.58
N ALA A 159 -2.79 -21.20 2.13
CA ALA A 159 -2.72 -21.36 3.58
C ALA A 159 -1.79 -20.31 4.20
N LEU A 160 -0.73 -19.97 3.47
CA LEU A 160 0.20 -18.93 3.93
C LEU A 160 -0.52 -17.57 3.98
N ILE A 161 -1.29 -17.24 2.94
CA ILE A 161 -2.07 -15.99 2.94
C ILE A 161 -3.06 -16.00 4.11
N ASP A 162 -3.73 -17.12 4.33
CA ASP A 162 -4.66 -17.29 5.44
C ASP A 162 -3.97 -17.03 6.79
N LYS A 163 -2.76 -17.57 6.94
CA LYS A 163 -2.04 -17.41 8.20
C LYS A 163 -1.75 -15.92 8.46
N TYR A 164 -1.29 -15.21 7.43
CA TYR A 164 -1.06 -13.77 7.59
C TYR A 164 -2.38 -13.00 7.82
N ALA A 165 -3.42 -13.33 7.04
CA ALA A 165 -4.71 -12.63 7.22
C ALA A 165 -5.26 -12.81 8.63
N ALA A 166 -5.07 -13.99 9.21
CA ALA A 166 -5.47 -14.26 10.59
C ALA A 166 -4.76 -13.34 11.59
N TYR A 167 -3.49 -13.08 11.34
CA TYR A 167 -2.75 -12.15 12.15
C TYR A 167 -3.29 -10.73 12.00
N PHE A 168 -3.52 -10.31 10.76
CA PHE A 168 -3.93 -8.92 10.50
C PHE A 168 -5.38 -8.61 10.88
N ALA A 169 -6.21 -9.65 11.06
CA ALA A 169 -7.58 -9.51 11.52
C ALA A 169 -7.68 -8.60 12.74
N LYS A 170 -8.68 -7.72 12.71
CA LYS A 170 -9.03 -6.82 13.82
CA LYS A 170 -9.01 -6.83 13.83
C LYS A 170 -8.01 -5.68 14.02
N LYS A 171 -6.77 -5.85 13.58
CA LYS A 171 -5.82 -4.73 13.71
C LYS A 171 -5.64 -3.87 12.44
N THR A 172 -6.26 -4.29 11.34
CA THR A 172 -6.18 -3.58 10.06
C THR A 172 -7.56 -3.75 9.41
N GLU A 173 -7.79 -3.12 8.27
CA GLU A 173 -9.12 -3.15 7.62
C GLU A 173 -9.06 -3.75 6.21
N ILE A 174 -7.93 -3.59 5.54
CA ILE A 174 -7.79 -3.98 4.13
C ILE A 174 -6.53 -4.83 4.03
N PHE A 175 -6.58 -5.87 3.20
CA PHE A 175 -5.43 -6.72 2.97
C PHE A 175 -5.31 -6.83 1.47
N ASN A 176 -4.15 -6.43 0.94
CA ASN A 176 -3.91 -6.45 -0.51
C ASN A 176 -3.31 -7.81 -0.88
N ILE A 177 -4.08 -8.57 -1.65
CA ILE A 177 -3.62 -9.83 -2.23
C ILE A 177 -2.79 -9.67 -3.50
N GLY A 178 -2.73 -8.44 -4.03
CA GLY A 178 -1.79 -8.13 -5.14
C GLY A 178 -2.37 -8.52 -6.49
N LEU A 179 -2.05 -9.73 -6.93
CA LEU A 179 -2.56 -10.28 -8.22
C LEU A 179 -1.97 -9.62 -9.46
N ASP A 180 -0.99 -8.73 -9.34
CA ASP A 180 -0.48 -8.06 -10.54
C ASP A 180 0.53 -8.90 -11.29
N GLN A 181 0.56 -8.70 -12.61
CA GLN A 181 1.70 -9.04 -13.48
C GLN A 181 2.04 -10.51 -13.49
N TYR A 182 1.05 -11.33 -13.80
CA TYR A 182 1.26 -12.76 -13.86
C TYR A 182 2.40 -13.16 -14.83
N ALA A 183 3.42 -13.87 -14.32
CA ALA A 183 4.52 -14.37 -15.21
C ALA A 183 5.11 -13.28 -16.10
N ASN A 184 5.30 -12.09 -15.54
CA ASN A 184 5.90 -10.98 -16.28
C ASN A 184 7.26 -11.35 -16.91
N ASP A 185 8.08 -12.08 -16.16
CA ASP A 185 9.40 -12.49 -16.66
C ASP A 185 9.32 -13.52 -17.78
N ALA A 186 8.64 -14.63 -17.52
CA ALA A 186 8.60 -15.74 -18.45
C ALA A 186 7.89 -15.41 -19.76
N THR A 187 6.91 -14.50 -19.73
CA THR A 187 6.11 -14.19 -20.93
C THR A 187 6.40 -12.82 -21.55
N ASP A 188 7.40 -12.12 -21.01
CA ASP A 188 7.76 -10.77 -21.42
CA ASP A 188 7.76 -10.78 -21.43
C ASP A 188 6.57 -9.81 -21.32
N ALA A 189 5.97 -9.79 -20.11
CA ALA A 189 4.87 -8.92 -19.74
C ALA A 189 3.61 -9.17 -20.61
N LYS A 190 3.33 -10.45 -20.89
CA LYS A 190 2.14 -10.87 -21.66
C LYS A 190 1.33 -11.94 -20.92
N GLY A 191 1.45 -12.00 -19.59
CA GLY A 191 0.98 -13.16 -18.86
C GLY A 191 -0.54 -13.31 -18.91
N TRP A 192 -1.25 -12.21 -18.84
CA TRP A 192 -2.72 -12.29 -18.89
C TRP A 192 -3.19 -12.79 -20.25
N SER A 193 -2.56 -12.27 -21.31
CA SER A 193 -2.79 -12.72 -22.70
CA SER A 193 -2.83 -12.71 -22.68
C SER A 193 -2.58 -14.21 -22.80
N VAL A 194 -1.48 -14.67 -22.21
CA VAL A 194 -1.15 -16.09 -22.18
C VAL A 194 -2.21 -16.93 -21.46
N LEU A 195 -2.64 -16.45 -20.28
CA LEU A 195 -3.65 -17.17 -19.50
C LEU A 195 -4.99 -17.26 -20.22
N GLN A 196 -5.31 -16.24 -21.03
CA GLN A 196 -6.57 -16.25 -21.81
C GLN A 196 -6.43 -16.93 -23.17
N ALA A 197 -5.21 -17.16 -23.62
CA ALA A 197 -4.96 -17.56 -25.01
C ALA A 197 -5.62 -18.87 -25.45
N ASP A 198 -5.57 -19.90 -24.62
CA ASP A 198 -6.12 -21.20 -25.03
C ASP A 198 -7.62 -21.22 -25.39
N LYS A 199 -8.42 -20.36 -24.76
CA LYS A 199 -9.83 -20.25 -25.15
C LYS A 199 -9.99 -19.81 -26.61
N TYR A 200 -9.15 -18.90 -27.08
CA TYR A 200 -9.30 -18.30 -28.40
C TYR A 200 -8.40 -18.90 -29.47
N TYR A 201 -7.32 -19.55 -29.01
CA TYR A 201 -6.30 -20.17 -29.85
C TYR A 201 -6.00 -21.57 -29.30
N PRO A 202 -6.98 -22.48 -29.36
CA PRO A 202 -6.81 -23.82 -28.81
C PRO A 202 -5.81 -24.63 -29.61
N ASN A 203 -5.33 -25.73 -29.00
CA ASN A 203 -4.39 -26.66 -29.62
C ASN A 203 -3.09 -26.03 -30.05
N GLU A 204 -2.67 -24.99 -29.32
CA GLU A 204 -1.38 -24.32 -29.58
C GLU A 204 -0.45 -24.39 -28.40
N GLY A 205 -0.87 -25.10 -27.35
CA GLY A 205 0.00 -25.27 -26.16
C GLY A 205 -0.12 -24.20 -25.09
N TYR A 206 -1.12 -23.33 -25.21
CA TYR A 206 -1.34 -22.34 -24.15
C TYR A 206 -1.97 -23.00 -22.91
N PRO A 207 -1.79 -22.41 -21.72
CA PRO A 207 -2.30 -23.06 -20.49
C PRO A 207 -3.81 -23.27 -20.50
N VAL A 208 -4.25 -24.52 -20.45
CA VAL A 208 -5.67 -24.82 -20.48
C VAL A 208 -6.38 -24.32 -19.24
N LYS A 209 -7.47 -23.57 -19.47
CA LYS A 209 -8.25 -22.93 -18.40
C LYS A 209 -7.40 -21.98 -17.54
N GLY A 210 -6.31 -21.45 -18.14
CA GLY A 210 -5.39 -20.59 -17.38
C GLY A 210 -6.06 -19.43 -16.66
N TYR A 211 -6.78 -18.62 -17.42
CA TYR A 211 -7.41 -17.43 -16.85
C TYR A 211 -8.56 -17.80 -15.94
N GLU A 212 -9.34 -18.83 -16.31
CA GLU A 212 -10.42 -19.30 -15.44
C GLU A 212 -9.87 -19.74 -14.06
N LYS A 213 -8.73 -20.45 -14.08
CA LYS A 213 -8.08 -20.85 -12.82
C LYS A 213 -7.65 -19.63 -12.02
N PHE A 214 -7.25 -18.57 -12.74
CA PHE A 214 -6.78 -17.36 -12.06
C PHE A 214 -7.96 -16.70 -11.39
N ILE A 215 -9.09 -16.63 -12.09
CA ILE A 215 -10.28 -16.07 -11.44
C ILE A 215 -10.66 -16.81 -10.14
N ALA A 216 -10.65 -18.15 -10.21
CA ALA A 216 -10.98 -18.98 -9.07
C ALA A 216 -9.99 -18.75 -7.93
N TYR A 217 -8.71 -18.63 -8.29
CA TYR A 217 -7.67 -18.39 -7.30
C TYR A 217 -7.90 -17.03 -6.61
N ALA A 218 -8.10 -16.00 -7.41
CA ALA A 218 -8.40 -14.66 -6.90
C ALA A 218 -9.60 -14.67 -5.97
N ASN A 219 -10.67 -15.36 -6.40
CA ASN A 219 -11.90 -15.41 -5.60
C ASN A 219 -11.70 -16.20 -4.30
N ASP A 220 -10.89 -17.24 -4.35
N ASP A 220 -10.91 -17.26 -4.36
CA ASP A 220 -10.64 -18.00 -3.11
CA ASP A 220 -10.60 -18.03 -3.14
C ASP A 220 -9.82 -17.18 -2.13
C ASP A 220 -9.84 -17.16 -2.14
N LEU A 221 -8.84 -16.43 -2.63
CA LEU A 221 -8.08 -15.50 -1.75
C LEU A 221 -8.99 -14.42 -1.16
N ALA A 222 -9.90 -13.90 -1.98
CA ALA A 222 -10.88 -12.92 -1.46
C ALA A 222 -11.77 -13.53 -0.36
N ARG A 223 -12.26 -14.75 -0.59
CA ARG A 223 -13.02 -15.49 0.44
C ARG A 223 -12.22 -15.61 1.74
N ILE A 224 -10.96 -16.03 1.62
CA ILE A 224 -10.11 -16.24 2.78
C ILE A 224 -9.91 -14.93 3.53
N VAL A 225 -9.58 -13.87 2.79
CA VAL A 225 -9.37 -12.53 3.42
C VAL A 225 -10.66 -12.05 4.09
N LYS A 226 -11.81 -12.18 3.41
CA LYS A 226 -13.07 -11.75 4.01
C LYS A 226 -13.49 -12.53 5.28
N SER A 227 -13.08 -13.79 5.34
CA SER A 227 -13.44 -14.64 6.47
CA SER A 227 -13.43 -14.64 6.47
C SER A 227 -12.82 -14.06 7.73
N HIS A 228 -11.72 -13.31 7.56
CA HIS A 228 -11.00 -12.68 8.69
C HIS A 228 -11.51 -11.27 8.94
N GLY A 229 -12.64 -10.93 8.31
CA GLY A 229 -13.23 -9.61 8.45
C GLY A 229 -12.47 -8.47 7.77
N LEU A 230 -11.54 -8.80 6.88
CA LEU A 230 -10.75 -7.82 6.17
C LEU A 230 -11.32 -7.61 4.77
N LYS A 231 -11.09 -6.42 4.21
CA LYS A 231 -11.57 -6.19 2.88
C LYS A 231 -10.41 -6.54 1.96
N PRO A 232 -10.64 -7.43 0.98
CA PRO A 232 -9.56 -7.75 0.05
C PRO A 232 -9.34 -6.63 -0.99
N MET A 233 -8.07 -6.37 -1.33
CA MET A 233 -7.75 -5.43 -2.39
C MET A 233 -6.79 -6.08 -3.35
N ALA A 234 -6.79 -5.62 -4.60
CA ALA A 234 -5.89 -6.19 -5.62
C ALA A 234 -5.61 -5.17 -6.70
N PHE A 235 -4.43 -5.31 -7.32
CA PHE A 235 -4.08 -4.43 -8.42
C PHE A 235 -4.88 -4.78 -9.64
N ASN A 236 -5.08 -3.79 -10.50
CA ASN A 236 -6.12 -3.90 -11.55
C ASN A 236 -5.79 -4.73 -12.78
N ASP A 237 -4.51 -4.91 -13.10
CA ASP A 237 -4.14 -5.31 -14.48
C ASP A 237 -4.69 -6.66 -14.89
N GLY A 238 -4.79 -7.59 -13.94
CA GLY A 238 -5.37 -8.92 -14.23
C GLY A 238 -6.87 -9.06 -14.12
N ILE A 239 -7.56 -8.00 -13.67
CA ILE A 239 -9.01 -8.09 -13.39
CA ILE A 239 -9.00 -8.06 -13.38
C ILE A 239 -9.79 -7.71 -14.64
N TYR A 240 -10.52 -8.70 -15.18
CA TYR A 240 -11.14 -8.56 -16.49
C TYR A 240 -10.14 -8.06 -17.54
N TYR A 241 -9.00 -8.71 -17.61
CA TYR A 241 -8.00 -8.36 -18.63
C TYR A 241 -8.62 -8.41 -20.04
N ASN A 242 -8.21 -7.46 -20.89
CA ASN A 242 -8.78 -7.30 -22.24
C ASN A 242 -10.32 -7.05 -22.20
N SER A 243 -10.81 -6.54 -21.08
CA SER A 243 -12.24 -6.31 -20.83
C SER A 243 -13.08 -7.59 -21.02
N ASP A 244 -12.43 -8.73 -20.81
CA ASP A 244 -13.08 -10.00 -21.10
C ASP A 244 -13.79 -10.53 -19.84
N THR A 245 -15.13 -10.52 -19.90
CA THR A 245 -15.99 -11.01 -18.82
C THR A 245 -16.44 -12.44 -19.05
N SER A 246 -15.94 -13.06 -20.11
CA SER A 246 -16.45 -14.37 -20.54
C SER A 246 -15.83 -15.58 -19.83
N PHE A 247 -14.80 -15.38 -19.02
CA PHE A 247 -14.13 -16.47 -18.28
C PHE A 247 -14.74 -16.75 -16.91
N GLY A 248 -15.53 -15.80 -16.42
CA GLY A 248 -16.09 -15.80 -15.08
C GLY A 248 -16.05 -14.43 -14.45
N SER A 249 -16.41 -14.34 -13.19
CA SER A 249 -16.57 -13.05 -12.51
C SER A 249 -15.68 -13.02 -11.30
N PHE A 250 -15.10 -11.85 -11.05
CA PHE A 250 -14.33 -11.56 -9.86
C PHE A 250 -15.28 -11.14 -8.73
N ASP A 251 -14.97 -11.57 -7.52
CA ASP A 251 -15.67 -11.16 -6.31
C ASP A 251 -15.75 -9.64 -6.22
N LYS A 252 -16.96 -9.07 -6.16
CA LYS A 252 -17.14 -7.62 -6.11
C LYS A 252 -16.56 -6.98 -4.87
N ASP A 253 -16.35 -7.76 -3.81
CA ASP A 253 -15.84 -7.23 -2.57
C ASP A 253 -14.34 -6.93 -2.67
N ILE A 254 -13.70 -7.33 -3.77
CA ILE A 254 -12.30 -6.93 -4.03
C ILE A 254 -12.22 -5.45 -4.41
N ILE A 255 -11.60 -4.64 -3.56
CA ILE A 255 -11.27 -3.26 -3.91
C ILE A 255 -10.18 -3.29 -4.97
N VAL A 256 -10.29 -2.45 -6.01
CA VAL A 256 -9.27 -2.44 -7.07
C VAL A 256 -8.32 -1.29 -6.86
N SER A 257 -7.04 -1.61 -6.72
CA SER A 257 -5.97 -0.61 -6.75
C SER A 257 -5.61 -0.40 -8.21
N MET A 258 -6.09 0.71 -8.76
CA MET A 258 -6.01 0.97 -10.17
C MET A 258 -4.73 1.74 -10.39
N TRP A 259 -3.72 1.01 -10.86
CA TRP A 259 -2.38 1.59 -11.00
C TRP A 259 -1.97 1.81 -12.43
N THR A 260 -2.54 1.06 -13.36
CA THR A 260 -2.11 1.19 -14.78
C THR A 260 -3.29 1.29 -15.72
N GLY A 261 -3.11 2.11 -16.76
CA GLY A 261 -4.06 2.13 -17.86
C GLY A 261 -3.66 1.21 -19.00
N GLY A 262 -2.65 0.37 -18.79
CA GLY A 262 -2.16 -0.52 -19.83
C GLY A 262 -1.25 0.19 -20.81
N TRP A 263 -0.87 -0.50 -21.86
CA TRP A 263 0.10 0.03 -22.83
C TRP A 263 -0.05 -0.80 -24.08
N GLY A 264 0.78 -0.52 -25.09
CA GLY A 264 0.63 -1.22 -26.39
C GLY A 264 0.67 -2.73 -26.27
N GLY A 265 -0.41 -3.40 -26.64
CA GLY A 265 -0.46 -4.86 -26.56
C GLY A 265 -0.78 -5.41 -25.18
N TYR A 266 -1.10 -4.51 -24.25
CA TYR A 266 -1.41 -4.91 -22.86
C TYR A 266 -2.67 -4.16 -22.46
N ASP A 267 -3.80 -4.80 -22.77
CA ASP A 267 -5.08 -4.12 -22.78
C ASP A 267 -5.85 -4.46 -21.52
N VAL A 268 -5.89 -3.51 -20.59
CA VAL A 268 -6.52 -3.76 -19.30
C VAL A 268 -7.97 -3.29 -19.34
N ALA A 269 -8.80 -3.84 -18.47
CA ALA A 269 -10.14 -3.31 -18.26
C ALA A 269 -10.07 -1.83 -17.88
N SER A 270 -10.98 -1.01 -18.40
CA SER A 270 -11.07 0.38 -17.95
C SER A 270 -11.54 0.44 -16.51
N SER A 271 -11.20 1.53 -15.81
CA SER A 271 -11.80 1.78 -14.50
C SER A 271 -13.33 1.94 -14.60
N LYS A 272 -13.82 2.38 -15.76
CA LYS A 272 -15.26 2.44 -15.99
C LYS A 272 -15.92 1.06 -15.88
N LEU A 273 -15.33 0.09 -16.59
CA LEU A 273 -15.81 -1.28 -16.53
CA LEU A 273 -15.82 -1.27 -16.54
C LEU A 273 -15.77 -1.82 -15.11
N LEU A 274 -14.64 -1.62 -14.43
CA LEU A 274 -14.53 -2.16 -13.05
C LEU A 274 -15.53 -1.53 -12.10
N ALA A 275 -15.74 -0.22 -12.21
CA ALA A 275 -16.78 0.44 -11.39
C ALA A 275 -18.18 -0.15 -11.69
N GLU A 276 -18.45 -0.33 -12.97
N GLU A 276 -18.48 -0.35 -12.96
CA GLU A 276 -19.73 -0.87 -13.45
CA GLU A 276 -19.81 -0.83 -13.32
C GLU A 276 -19.98 -2.26 -12.90
C GLU A 276 -20.00 -2.32 -13.00
N LYS A 277 -18.91 -3.04 -12.77
CA LYS A 277 -18.97 -4.41 -12.30
C LYS A 277 -19.20 -4.43 -10.78
N GLY A 278 -19.05 -3.27 -10.15
CA GLY A 278 -19.35 -3.13 -8.73
C GLY A 278 -18.15 -3.04 -7.81
N HIS A 279 -16.96 -2.85 -8.37
CA HIS A 279 -15.75 -2.68 -7.53
C HIS A 279 -15.53 -1.25 -7.12
N GLN A 280 -15.25 -1.04 -5.82
CA GLN A 280 -14.63 0.20 -5.34
C GLN A 280 -13.19 0.30 -5.85
N ILE A 281 -12.74 1.53 -6.06
CA ILE A 281 -11.45 1.81 -6.69
C ILE A 281 -10.58 2.72 -5.83
N LEU A 282 -9.39 2.23 -5.49
CA LEU A 282 -8.37 3.09 -4.90
C LEU A 282 -7.46 3.61 -6.01
N ASN A 283 -7.41 4.92 -6.24
CA ASN A 283 -6.62 5.44 -7.37
C ASN A 283 -5.12 5.33 -7.05
N THR A 284 -4.42 4.46 -7.77
CA THR A 284 -3.02 4.21 -7.46
C THR A 284 -2.18 4.56 -8.70
N ASN A 285 -2.60 5.62 -9.37
CA ASN A 285 -2.04 6.01 -10.66
C ASN A 285 -0.49 5.93 -10.72
N ASP A 286 0.06 5.16 -11.67
CA ASP A 286 1.53 5.09 -11.79
C ASP A 286 2.17 6.38 -12.30
N ALA A 287 1.34 7.37 -12.60
CA ALA A 287 1.89 8.69 -12.87
C ALA A 287 2.77 9.12 -11.70
N TRP A 288 2.39 8.71 -10.48
CA TRP A 288 3.06 9.18 -9.25
C TRP A 288 4.19 8.27 -8.71
N TYR A 289 4.44 7.16 -9.40
CA TYR A 289 5.44 6.18 -8.96
C TYR A 289 6.87 6.73 -8.85
N TYR A 290 7.60 6.17 -7.89
CA TYR A 290 9.03 6.47 -7.71
C TYR A 290 9.74 5.16 -7.42
N VAL A 291 10.73 4.80 -8.24
CA VAL A 291 11.57 3.64 -7.96
C VAL A 291 12.85 4.10 -7.30
N LEU A 292 13.10 3.64 -6.09
CA LEU A 292 14.28 4.06 -5.32
C LEU A 292 15.55 4.00 -6.16
N GLY A 293 16.40 5.03 -6.05
CA GLY A 293 17.64 5.02 -6.81
C GLY A 293 17.53 5.72 -8.16
N ARG A 294 16.32 5.80 -8.71
CA ARG A 294 16.16 6.51 -9.98
C ARG A 294 15.74 7.90 -9.57
N ASN A 295 16.73 8.78 -9.43
CA ASN A 295 16.56 9.95 -8.60
C ASN A 295 16.44 11.27 -9.36
N ALA A 296 16.53 11.20 -10.68
CA ALA A 296 16.48 12.40 -11.51
C ALA A 296 16.10 12.06 -12.92
N ASP A 297 15.75 13.08 -13.72
CA ASP A 297 15.42 12.87 -15.12
C ASP A 297 16.54 12.11 -15.82
N GLY A 298 16.17 11.19 -16.71
CA GLY A 298 17.15 10.41 -17.43
C GLY A 298 17.56 9.11 -16.74
N GLN A 299 17.25 8.96 -15.44
CA GLN A 299 17.68 7.77 -14.68
C GLN A 299 16.74 6.58 -14.75
N GLY A 300 15.74 6.64 -15.63
CA GLY A 300 14.93 5.45 -15.92
C GLY A 300 13.48 5.67 -15.62
N TRP A 301 12.67 4.63 -15.76
CA TRP A 301 11.24 4.80 -15.62
C TRP A 301 10.88 4.95 -14.16
N TYR A 302 9.87 5.77 -13.91
CA TYR A 302 9.43 6.12 -12.54
C TYR A 302 10.57 6.74 -11.74
N ASN A 303 11.38 7.58 -12.39
CA ASN A 303 12.42 8.32 -11.69
C ASN A 303 11.72 9.43 -10.88
N LEU A 304 12.43 9.98 -9.90
CA LEU A 304 11.82 10.95 -9.01
C LEU A 304 11.29 12.16 -9.72
N ASP A 305 12.03 12.70 -10.71
CA ASP A 305 11.54 13.85 -11.45
C ASP A 305 10.27 13.52 -12.24
N GLN A 306 10.24 12.34 -12.86
CA GLN A 306 9.01 11.90 -13.53
C GLN A 306 7.85 11.81 -12.53
N GLY A 307 8.10 11.25 -11.36
CA GLY A 307 6.98 11.11 -10.38
C GLY A 307 6.48 12.45 -9.88
N LEU A 308 7.39 13.38 -9.59
CA LEU A 308 6.98 14.73 -9.22
C LEU A 308 6.22 15.42 -10.36
N ASN A 309 6.62 15.17 -11.61
CA ASN A 309 5.82 15.69 -12.77
C ASN A 309 4.45 15.07 -12.79
N GLY A 310 4.37 13.77 -12.58
CA GLY A 310 3.07 13.06 -12.52
C GLY A 310 2.17 13.64 -11.42
N ILE A 311 2.76 13.94 -10.27
CA ILE A 311 1.99 14.50 -9.16
C ILE A 311 1.50 15.91 -9.52
N LYS A 312 2.34 16.69 -10.24
CA LYS A 312 2.00 18.05 -10.62
C LYS A 312 0.87 18.03 -11.64
N ASN A 313 0.89 17.03 -12.51
CA ASN A 313 -0.02 17.02 -13.67
C ASN A 313 -1.22 16.11 -13.64
N THR A 314 -1.21 15.17 -12.71
CA THR A 314 -2.30 14.19 -12.63
C THR A 314 -2.88 14.26 -11.23
N PRO A 315 -4.05 14.92 -11.06
CA PRO A 315 -4.56 15.07 -9.69
C PRO A 315 -5.07 13.75 -9.12
N ILE A 316 -5.31 13.73 -7.79
CA ILE A 316 -5.75 12.51 -7.11
C ILE A 316 -7.06 11.92 -7.67
N THR A 317 -7.85 12.74 -8.37
CA THR A 317 -9.13 12.33 -8.94
C THR A 317 -9.02 11.73 -10.35
N SER A 318 -7.82 11.81 -10.94
N SER A 318 -7.82 11.81 -10.94
CA SER A 318 -7.57 11.31 -12.30
CA SER A 318 -7.60 11.31 -12.29
C SER A 318 -7.15 9.84 -12.25
C SER A 318 -7.15 9.85 -12.24
N VAL A 319 -8.08 8.94 -12.57
CA VAL A 319 -7.89 7.49 -12.43
C VAL A 319 -7.39 6.96 -13.79
N PRO A 320 -6.53 5.93 -13.81
CA PRO A 320 -6.18 5.36 -15.13
C PRO A 320 -7.40 4.86 -15.93
N LYS A 321 -7.34 5.08 -17.25
CA LYS A 321 -8.27 4.50 -18.22
C LYS A 321 -9.75 4.64 -17.88
N THR A 322 -10.23 5.90 -17.85
CA THR A 322 -11.62 6.15 -17.48
C THR A 322 -12.62 5.98 -18.63
N GLU A 323 -12.11 5.89 -19.86
CA GLU A 323 -12.94 5.99 -21.07
C GLU A 323 -13.82 7.25 -21.06
N GLY A 324 -13.38 8.27 -20.34
CA GLY A 324 -14.09 9.56 -20.25
C GLY A 324 -15.20 9.58 -19.23
N ALA A 325 -15.42 8.47 -18.52
CA ALA A 325 -16.44 8.41 -17.49
C ALA A 325 -15.99 9.08 -16.18
N ASP A 326 -16.98 9.43 -15.35
CA ASP A 326 -16.76 9.96 -14.01
CA ASP A 326 -16.75 9.96 -14.02
C ASP A 326 -16.55 8.76 -13.08
N ILE A 327 -15.31 8.55 -12.63
CA ILE A 327 -14.99 7.39 -11.81
C ILE A 327 -14.87 7.77 -10.34
N PRO A 328 -15.77 7.23 -9.49
CA PRO A 328 -15.62 7.52 -8.06
C PRO A 328 -14.40 6.79 -7.50
N ILE A 329 -13.83 7.33 -6.43
CA ILE A 329 -12.64 6.73 -5.82
C ILE A 329 -12.82 6.65 -4.31
N ILE A 330 -12.10 5.74 -3.68
CA ILE A 330 -12.11 5.68 -2.19
C ILE A 330 -10.94 6.50 -1.66
N GLY A 331 -10.09 6.94 -2.56
CA GLY A 331 -8.91 7.73 -2.19
C GLY A 331 -7.80 7.53 -3.21
N GLY A 332 -6.61 8.00 -2.87
CA GLY A 332 -5.45 7.90 -3.77
C GLY A 332 -4.24 7.38 -3.03
N MET A 333 -3.36 6.73 -3.77
CA MET A 333 -2.19 6.13 -3.19
C MET A 333 -0.99 6.43 -4.05
N VAL A 334 0.02 7.05 -3.44
CA VAL A 334 1.30 7.34 -4.09
C VAL A 334 2.28 6.24 -3.66
N ALA A 335 2.97 5.65 -4.64
CA ALA A 335 3.77 4.46 -4.35
C ALA A 335 5.26 4.56 -4.66
N ALA A 336 6.06 4.11 -3.69
CA ALA A 336 7.53 4.03 -3.84
C ALA A 336 7.92 2.58 -3.89
N TRP A 337 8.80 2.22 -4.83
CA TRP A 337 9.09 0.82 -5.11
C TRP A 337 10.58 0.59 -5.07
N ALA A 338 10.98 -0.67 -4.87
CA ALA A 338 12.39 -1.02 -4.74
C ALA A 338 12.82 -2.07 -5.78
N ASP A 339 12.42 -1.83 -7.04
CA ASP A 339 12.73 -2.75 -8.13
C ASP A 339 14.21 -3.17 -8.15
N THR A 340 15.07 -2.25 -7.77
CA THR A 340 16.50 -2.53 -7.61
C THR A 340 16.74 -2.36 -6.11
N PRO A 341 16.57 -3.44 -5.34
CA PRO A 341 16.52 -3.28 -3.90
C PRO A 341 17.87 -2.95 -3.27
N SER A 342 18.98 -3.08 -4.01
CA SER A 342 20.28 -2.63 -3.50
C SER A 342 20.44 -1.11 -3.59
N ALA A 343 19.48 -0.43 -4.23
CA ALA A 343 19.49 1.03 -4.27
C ALA A 343 19.44 1.59 -2.85
N ARG A 344 20.06 2.74 -2.66
N ARG A 344 20.06 2.75 -2.65
CA ARG A 344 20.04 3.41 -1.35
CA ARG A 344 21.00 3.40 -0.62
CA ARG A 344 20.03 3.39 -1.34
C ARG A 344 18.69 4.06 -1.13
C ARG A 344 18.68 4.04 -1.13
N TYR A 345 18.06 3.71 -0.01
CA TYR A 345 16.84 4.38 0.40
C TYR A 345 17.16 5.78 0.95
N SER A 346 16.56 6.79 0.32
CA SER A 346 16.72 8.19 0.70
C SER A 346 15.41 8.72 1.24
N PRO A 347 15.34 8.82 2.58
CA PRO A 347 14.16 9.37 3.23
C PRO A 347 13.78 10.72 2.67
N SER A 348 14.72 11.62 2.49
CA SER A 348 14.33 12.97 2.06
C SER A 348 13.64 12.96 0.70
N ARG A 349 14.11 12.09 -0.19
CA ARG A 349 13.50 11.97 -1.52
C ARG A 349 12.11 11.38 -1.45
N LEU A 350 11.90 10.35 -0.63
CA LEU A 350 10.55 9.81 -0.41
C LEU A 350 9.65 10.87 0.24
N PHE A 351 10.17 11.58 1.25
CA PHE A 351 9.36 12.63 1.88
C PHE A 351 8.97 13.73 0.90
N LYS A 352 9.86 14.06 -0.03
CA LYS A 352 9.58 15.07 -1.02
C LYS A 352 8.43 14.60 -1.91
N LEU A 353 8.51 13.36 -2.35
CA LEU A 353 7.39 12.77 -3.12
C LEU A 353 6.05 12.86 -2.36
N MET A 354 6.07 12.40 -1.10
CA MET A 354 4.89 12.39 -0.26
C MET A 354 4.38 13.82 -0.05
N ARG A 355 5.29 14.77 0.16
CA ARG A 355 4.92 16.16 0.43
C ARG A 355 4.28 16.79 -0.80
N HIS A 356 4.83 16.46 -1.98
CA HIS A 356 4.35 16.99 -3.24
C HIS A 356 2.94 16.51 -3.56
N PHE A 357 2.70 15.24 -3.27
CA PHE A 357 1.37 14.61 -3.47
C PHE A 357 0.35 15.28 -2.55
N ALA A 358 0.76 15.54 -1.30
CA ALA A 358 -0.10 16.24 -0.37
C ALA A 358 -0.38 17.70 -0.81
N ASN A 359 0.66 18.40 -1.27
CA ASN A 359 0.50 19.78 -1.65
C ASN A 359 -0.29 19.97 -2.95
N ALA A 360 -0.17 19.00 -3.85
CA ALA A 360 -0.83 19.12 -5.15
C ALA A 360 -2.33 18.81 -5.05
N ASN A 361 -2.70 18.14 -3.97
CA ASN A 361 -4.10 17.78 -3.72
C ASN A 361 -4.54 18.23 -2.34
N ALA A 362 -4.21 19.48 -2.00
CA ALA A 362 -4.23 19.93 -0.59
C ALA A 362 -5.61 19.92 0.05
N GLU A 363 -6.67 20.07 -0.74
CA GLU A 363 -8.01 20.00 -0.22
C GLU A 363 -8.42 18.61 0.31
N TYR A 364 -7.67 17.59 -0.11
CA TYR A 364 -7.94 16.20 0.23
C TYR A 364 -7.23 15.81 1.52
N PHE A 365 -6.11 16.46 1.78
CA PHE A 365 -5.23 16.04 2.87
C PHE A 365 -5.58 16.75 4.16
N ALA A 366 -5.53 16.05 5.29
CA ALA A 366 -5.79 16.70 6.57
C ALA A 366 -4.75 17.76 6.92
N ALA A 367 -5.21 18.79 7.60
CA ALA A 367 -4.30 19.79 8.14
C ALA A 367 -3.55 19.24 9.36
N ASP A 368 -2.54 19.98 9.81
CA ASP A 368 -1.70 19.57 10.95
C ASP A 368 -1.99 20.48 12.13
N TYR A 369 -2.50 19.87 13.20
CA TYR A 369 -2.85 20.60 14.42
C TYR A 369 -1.82 20.41 15.52
N GLU A 370 -0.80 19.59 15.29
CA GLU A 370 0.13 19.28 16.38
C GLU A 370 0.84 20.50 16.96
N SER A 371 1.20 21.46 16.10
CA SER A 371 1.86 22.69 16.61
C SER A 371 0.90 23.56 17.35
N ALA A 372 -0.37 23.52 16.93
CA ALA A 372 -1.41 24.23 17.66
C ALA A 372 -1.58 23.61 19.05
N GLU A 373 -1.62 22.29 19.15
CA GLU A 373 -1.70 21.63 20.47
C GLU A 373 -0.51 22.01 21.38
N GLN A 374 0.67 21.99 20.78
CA GLN A 374 1.89 22.35 21.50
C GLN A 374 1.83 23.79 22.00
N ALA A 375 1.38 24.70 21.15
CA ALA A 375 1.30 26.09 21.54
C ALA A 375 0.34 26.28 22.73
N LEU A 376 -0.78 25.56 22.73
CA LEU A 376 -1.72 25.62 23.84
C LEU A 376 -1.06 25.06 25.11
N ASN A 377 -0.24 24.04 24.97
CA ASN A 377 0.51 23.50 26.12
C ASN A 377 1.57 24.46 26.67
N GLU A 378 2.02 25.39 25.83
CA GLU A 378 3.07 26.34 26.25
C GLU A 378 2.54 27.64 26.87
N VAL A 379 1.22 27.81 26.89
CA VAL A 379 0.60 28.98 27.52
C VAL A 379 0.86 28.91 29.04
N PRO A 380 1.27 30.03 29.70
CA PRO A 380 1.43 30.00 31.15
C PRO A 380 0.09 29.64 31.82
N LYS A 381 0.12 28.70 32.76
N LYS A 381 0.12 28.70 32.76
CA LYS A 381 -1.09 28.17 33.38
CA LYS A 381 -1.09 28.17 33.38
C LYS A 381 -1.79 29.21 34.23
C LYS A 381 -1.79 29.22 34.22
N ASP A 382 -0.99 30.05 34.89
CA ASP A 382 -1.49 31.01 35.87
C ASP A 382 -1.23 32.42 35.40
N LEU A 383 -2.31 33.16 35.19
CA LEU A 383 -2.21 34.47 34.58
C LEU A 383 -2.55 35.59 35.58
N ASN A 384 -2.75 35.24 36.86
CA ASN A 384 -3.15 36.25 37.85
C ASN A 384 -2.20 37.45 37.95
N ARG A 385 -0.91 37.25 37.73
CA ARG A 385 0.04 38.37 37.95
C ARG A 385 0.13 39.34 36.79
N TYR A 386 -0.63 39.07 35.73
CA TYR A 386 -0.64 39.92 34.56
C TYR A 386 -1.86 40.82 34.50
N THR A 387 -1.78 41.86 33.68
CA THR A 387 -2.84 42.89 33.63
C THR A 387 -4.10 42.28 33.02
N ALA A 388 -5.26 42.75 33.44
CA ALA A 388 -6.52 42.22 32.90
C ALA A 388 -6.57 42.30 31.38
N GLU A 389 -6.09 43.42 30.83
CA GLU A 389 -6.13 43.63 29.39
C GLU A 389 -5.25 42.59 28.67
N SER A 390 -4.05 42.35 29.19
CA SER A 390 -3.14 41.43 28.52
C SER A 390 -3.65 39.98 28.67
N VAL A 391 -4.26 39.71 29.82
CA VAL A 391 -4.87 38.39 30.10
C VAL A 391 -6.04 38.10 29.14
N THR A 392 -6.95 39.06 28.98
CA THR A 392 -8.05 38.90 28.08
C THR A 392 -7.59 38.54 26.66
N ALA A 393 -6.56 39.23 26.15
CA ALA A 393 -5.99 38.97 24.82
C ALA A 393 -5.53 37.51 24.67
N VAL A 394 -4.83 37.01 25.68
CA VAL A 394 -4.39 35.62 25.69
C VAL A 394 -5.61 34.68 25.69
N LYS A 395 -6.57 34.91 26.59
N LYS A 395 -6.57 34.90 26.59
CA LYS A 395 -7.75 34.05 26.65
CA LYS A 395 -7.75 34.02 26.63
C LYS A 395 -8.52 34.03 25.33
C LYS A 395 -8.52 34.03 25.31
N GLU A 396 -8.61 35.19 24.66
CA GLU A 396 -9.22 35.28 23.33
C GLU A 396 -8.45 34.52 22.26
N ALA A 397 -7.12 34.67 22.26
CA ALA A 397 -6.29 33.91 21.29
C ALA A 397 -6.38 32.39 21.50
N GLU A 398 -6.46 31.96 22.76
CA GLU A 398 -6.68 30.54 23.08
C GLU A 398 -8.03 30.06 22.58
N LYS A 399 -9.08 30.84 22.86
CA LYS A 399 -10.43 30.48 22.41
C LYS A 399 -10.47 30.35 20.89
N ALA A 400 -9.74 31.23 20.20
CA ALA A 400 -9.73 31.22 18.74
C ALA A 400 -9.06 29.96 18.19
N ILE A 401 -7.99 29.50 18.83
CA ILE A 401 -7.44 28.19 18.45
C ILE A 401 -8.41 27.07 18.71
N ARG A 402 -9.01 27.08 19.90
CA ARG A 402 -9.96 25.99 20.23
C ARG A 402 -11.21 26.03 19.35
N SER A 403 -11.45 27.16 18.69
CA SER A 403 -12.64 27.29 17.86
CA SER A 403 -12.62 27.33 17.84
C SER A 403 -12.37 27.01 16.38
N LEU A 404 -11.13 26.66 16.06
CA LEU A 404 -10.83 26.27 14.66
C LEU A 404 -11.66 25.07 14.30
N ASP A 405 -12.17 25.03 13.06
CA ASP A 405 -12.73 23.78 12.59
C ASP A 405 -11.72 22.65 12.85
N SER A 406 -12.20 21.52 13.37
CA SER A 406 -11.31 20.41 13.71
C SER A 406 -11.01 19.47 12.53
N ASN A 407 -11.60 19.72 11.36
N ASN A 407 -11.62 19.78 11.37
CA ASN A 407 -11.29 18.95 10.15
CA ASN A 407 -11.48 19.05 10.09
C ASN A 407 -11.01 19.88 8.97
C ASN A 407 -11.05 19.97 8.94
N LEU A 408 -9.98 20.72 9.13
CA LEU A 408 -9.50 21.59 8.06
C LEU A 408 -8.58 20.77 7.17
N SER A 409 -8.44 21.23 5.94
CA SER A 409 -7.54 20.58 5.03
C SER A 409 -6.21 21.29 5.03
N ARG A 410 -5.24 20.59 4.47
CA ARG A 410 -3.92 21.13 4.25
C ARG A 410 -3.97 22.49 3.48
N ALA A 411 -4.94 22.63 2.58
CA ALA A 411 -5.13 23.89 1.82
C ALA A 411 -5.41 25.06 2.78
N GLN A 412 -5.88 24.74 3.97
CA GLN A 412 -6.28 25.76 4.95
C GLN A 412 -5.28 25.84 6.12
N GLN A 413 -4.10 25.26 5.95
CA GLN A 413 -3.09 25.31 7.02
C GLN A 413 -2.83 26.72 7.55
N ASP A 414 -2.85 27.71 6.65
CA ASP A 414 -2.51 29.08 7.06
C ASP A 414 -3.41 29.58 8.18
N THR A 415 -4.66 29.14 8.16
CA THR A 415 -5.65 29.53 9.17
C THR A 415 -5.21 29.07 10.56
N ILE A 416 -4.72 27.83 10.64
CA ILE A 416 -4.17 27.31 11.88
C ILE A 416 -2.91 28.07 12.26
N ASP A 417 -1.97 28.22 11.32
CA ASP A 417 -0.68 28.85 11.59
C ASP A 417 -0.84 30.28 12.08
N GLN A 418 -1.81 31.00 11.50
CA GLN A 418 -2.08 32.38 11.92
C GLN A 418 -2.60 32.42 13.34
N ALA A 419 -3.41 31.43 13.70
CA ALA A 419 -4.00 31.36 15.03
C ALA A 419 -2.90 31.08 16.06
N ILE A 420 -1.93 30.24 15.70
CA ILE A 420 -0.77 29.97 16.57
C ILE A 420 0.03 31.22 16.77
N ALA A 421 0.30 31.93 15.68
CA ALA A 421 1.10 33.13 15.77
C ALA A 421 0.43 34.18 16.64
N LYS A 422 -0.89 34.30 16.53
CA LYS A 422 -1.64 35.24 17.37
C LYS A 422 -1.50 34.86 18.86
N LEU A 423 -1.66 33.58 19.19
CA LEU A 423 -1.48 33.16 20.57
C LEU A 423 -0.08 33.49 21.07
N GLN A 424 0.95 33.14 20.30
CA GLN A 424 2.34 33.46 20.73
C GLN A 424 2.54 34.94 20.98
N GLU A 425 1.98 35.76 20.11
CA GLU A 425 2.11 37.21 20.25
C GLU A 425 1.43 37.69 21.53
N THR A 426 0.22 37.18 21.80
CA THR A 426 -0.51 37.63 22.97
C THR A 426 0.20 37.19 24.25
N VAL A 427 0.75 35.98 24.23
CA VAL A 427 1.52 35.50 25.39
C VAL A 427 2.76 36.40 25.60
N ASN A 428 3.45 36.75 24.51
CA ASN A 428 4.64 37.62 24.58
C ASN A 428 4.32 39.00 25.08
N ASN A 429 3.06 39.41 24.91
CA ASN A 429 2.58 40.71 25.32
C ASN A 429 1.97 40.73 26.73
N LEU A 430 1.95 39.58 27.40
CA LEU A 430 1.50 39.55 28.81
C LEU A 430 2.34 40.54 29.60
N THR A 431 1.66 41.37 30.36
CA THR A 431 2.31 42.47 31.02
C THR A 431 2.08 42.34 32.53
N LEU A 432 3.15 42.32 33.32
CA LEU A 432 3.02 42.19 34.77
C LEU A 432 2.34 43.43 35.34
N THR A 433 1.37 43.20 36.24
CA THR A 433 0.71 44.30 36.95
CA THR A 433 0.71 44.29 36.97
C THR A 433 1.77 44.95 37.87
N PRO A 434 1.77 46.31 37.98
CA PRO A 434 2.98 46.90 38.65
C PRO A 434 2.96 47.03 40.19
#